data_8GC6
#
_entry.id   8GC6
#
_cell.length_a   46.740
_cell.length_b   46.740
_cell.length_c   111.160
_cell.angle_alpha   90.000
_cell.angle_beta   90.000
_cell.angle_gamma   90.000
#
_symmetry.space_group_name_H-M   'P 41 21 2'
#
loop_
_entity.id
_entity.type
_entity.pdbx_description
1 polymer 'Response regulator protein CarR'
2 water water
#
_entity_poly.entity_id   1
_entity_poly.type   'polypeptide(L)'
_entity_poly.pdbx_seq_one_letter_code
;MRLLLVEDHVPLADELMASLTRQGYAVDWLADGRDAAVQGASEPYDLIILDLGLPGRPGLEILQEWRGLGLATPVLILTA
RGSWAERIDGLKAGADDYLTKPFHPEELALRIQALLRRAHGLA
;
_entity_poly.pdbx_strand_id   A
#
# COMPACT_ATOMS: atom_id res chain seq x y z
N MET A 1 -7.72 12.53 -6.90
CA MET A 1 -6.77 11.43 -6.63
C MET A 1 -6.29 11.56 -5.20
N ARG A 2 -6.29 10.44 -4.44
CA ARG A 2 -5.81 10.43 -3.04
C ARG A 2 -5.32 9.02 -2.69
N LEU A 3 -4.14 8.97 -2.08
CA LEU A 3 -3.57 7.70 -1.64
C LEU A 3 -3.57 7.66 -0.12
N LEU A 4 -3.61 6.42 0.40
CA LEU A 4 -3.38 6.12 1.81
C LEU A 4 -2.04 5.39 1.92
N LEU A 5 -1.16 5.91 2.79
CA LEU A 5 0.11 5.25 3.12
C LEU A 5 0.03 4.77 4.55
N VAL A 6 0.21 3.44 4.73
CA VAL A 6 0.21 2.80 6.05
C VAL A 6 1.66 2.32 6.33
N GLU A 7 2.35 3.08 7.20
CA GLU A 7 3.79 2.91 7.39
C GLU A 7 4.10 3.35 8.81
N ASP A 8 4.64 2.43 9.61
CA ASP A 8 4.99 2.68 11.00
C ASP A 8 6.32 3.38 11.20
N HIS A 9 7.29 3.17 10.29
CA HIS A 9 8.63 3.71 10.47
C HIS A 9 8.68 5.11 9.96
N VAL A 10 8.76 6.08 10.88
CA VAL A 10 8.60 7.48 10.52
C VAL A 10 9.60 7.95 9.48
N PRO A 11 10.91 7.62 9.56
CA PRO A 11 11.84 8.09 8.53
C PRO A 11 11.43 7.59 7.14
N LEU A 12 10.96 6.35 7.06
CA LEU A 12 10.53 5.79 5.77
C LEU A 12 9.24 6.46 5.32
N ALA A 13 8.29 6.66 6.23
CA ALA A 13 7.08 7.37 5.91
C ALA A 13 7.39 8.76 5.36
N ASP A 14 8.28 9.50 6.00
CA ASP A 14 8.62 10.85 5.59
C ASP A 14 9.19 10.82 4.15
N GLU A 15 10.05 9.85 3.84
CA GLU A 15 10.65 9.72 2.53
C GLU A 15 9.57 9.39 1.49
N LEU A 16 8.71 8.44 1.83
CA LEU A 16 7.63 8.03 0.93
C LEU A 16 6.68 9.20 0.65
N MET A 17 6.35 9.97 1.68
CA MET A 17 5.47 11.13 1.49
C MET A 17 6.13 12.12 0.53
N ALA A 18 7.42 12.38 0.71
CA ALA A 18 8.13 13.30 -0.17
C ALA A 18 8.14 12.81 -1.62
N SER A 19 8.43 11.52 -1.80
CA SER A 19 8.47 10.91 -3.10
C SER A 19 7.10 10.95 -3.78
N LEU A 20 6.05 10.61 -3.05
CA LEU A 20 4.71 10.58 -3.59
C LEU A 20 4.24 11.99 -3.95
N THR A 21 4.58 12.97 -3.13
CA THR A 21 4.36 14.35 -3.44
C THR A 21 5.05 14.74 -4.76
N ARG A 22 6.31 14.34 -4.95
CA ARG A 22 7.07 14.63 -6.19
C ARG A 22 6.41 13.98 -7.41
N GLN A 23 5.70 12.88 -7.20
CA GLN A 23 4.96 12.16 -8.24
C GLN A 23 3.57 12.78 -8.49
N GLY A 24 3.20 13.78 -7.69
CA GLY A 24 1.96 14.48 -7.89
C GLY A 24 0.77 14.04 -7.07
N TYR A 25 0.97 13.18 -6.09
CA TYR A 25 -0.13 12.59 -5.31
C TYR A 25 -0.34 13.29 -3.96
N ALA A 26 -1.60 13.44 -3.60
CA ALA A 26 -2.07 13.80 -2.27
C ALA A 26 -2.15 12.49 -1.50
N VAL A 27 -1.59 12.48 -0.28
CA VAL A 27 -1.49 11.25 0.50
C VAL A 27 -1.86 11.52 1.94
N ASP A 28 -2.67 10.61 2.51
CA ASP A 28 -2.90 10.56 3.96
C ASP A 28 -1.99 9.45 4.51
N TRP A 29 -1.34 9.72 5.65
CA TRP A 29 -0.43 8.79 6.27
C TRP A 29 -1.00 8.34 7.61
N LEU A 30 -1.00 7.04 7.82
CA LEU A 30 -1.29 6.41 9.11
C LEU A 30 -0.15 5.48 9.50
N ALA A 31 0.22 5.54 10.79
CA ALA A 31 1.31 4.74 11.32
C ALA A 31 0.86 3.48 12.02
N ASP A 32 -0.41 3.44 12.41
CA ASP A 32 -0.97 2.37 13.21
C ASP A 32 -1.94 1.51 12.43
N GLY A 33 -1.71 0.19 12.43
CA GLY A 33 -2.55 -0.75 11.74
C GLY A 33 -4.01 -0.76 12.14
N ARG A 34 -4.33 -0.49 13.41
CA ARG A 34 -5.74 -0.45 13.89
C ARG A 34 -6.45 0.72 13.21
N ASP A 35 -5.80 1.88 13.19
CA ASP A 35 -6.37 3.03 12.53
C ASP A 35 -6.53 2.74 11.04
N ALA A 36 -5.51 2.15 10.45
CA ALA A 36 -5.51 1.89 9.02
C ALA A 36 -6.61 0.92 8.60
N ALA A 37 -6.84 -0.10 9.40
CA ALA A 37 -7.84 -1.06 9.05
C ALA A 37 -9.20 -0.39 8.91
N VAL A 38 -9.54 0.50 9.81
CA VAL A 38 -10.79 1.24 9.76
C VAL A 38 -10.82 2.25 8.63
N GLN A 39 -9.81 3.10 8.57
CA GLN A 39 -9.80 4.22 7.64
C GLN A 39 -9.73 3.71 6.20
N GLY A 40 -8.98 2.65 5.95
CA GLY A 40 -8.85 2.10 4.63
C GLY A 40 -10.16 1.59 4.08
N ALA A 41 -11.04 1.12 4.96
CA ALA A 41 -12.34 0.62 4.56
C ALA A 41 -13.40 1.71 4.49
N SER A 42 -13.20 2.83 5.20
CA SER A 42 -14.24 3.81 5.35
C SER A 42 -14.10 5.07 4.50
N GLU A 43 -12.88 5.45 4.15
CA GLU A 43 -12.57 6.71 3.46
C GLU A 43 -12.20 6.40 2.02
N PRO A 44 -12.56 7.26 1.06
CA PRO A 44 -12.30 6.98 -0.33
C PRO A 44 -10.82 7.22 -0.60
N TYR A 45 -10.16 6.19 -1.08
CA TYR A 45 -8.80 6.27 -1.63
C TYR A 45 -8.80 5.63 -3.02
N ASP A 46 -7.94 6.15 -3.88
CA ASP A 46 -7.68 5.53 -5.16
C ASP A 46 -6.73 4.34 -5.09
N LEU A 47 -5.89 4.34 -4.05
CA LEU A 47 -4.86 3.32 -3.86
C LEU A 47 -4.38 3.40 -2.42
N ILE A 48 -4.09 2.22 -1.86
CA ILE A 48 -3.53 2.08 -0.52
C ILE A 48 -2.18 1.42 -0.67
N ILE A 49 -1.19 2.00 0.02
CA ILE A 49 0.15 1.45 0.14
C ILE A 49 0.27 0.94 1.57
N LEU A 50 0.40 -0.39 1.71
CA LEU A 50 0.38 -1.07 3.02
C LEU A 50 1.72 -1.80 3.26
N ASP A 51 2.49 -1.32 4.26
CA ASP A 51 3.74 -2.01 4.60
C ASP A 51 3.36 -3.25 5.45
N LEU A 52 3.80 -4.43 5.00
CA LEU A 52 3.59 -5.66 5.76
C LEU A 52 4.40 -5.74 7.06
N GLY A 53 5.29 -4.78 7.28
CA GLY A 53 6.10 -4.80 8.46
C GLY A 53 5.48 -4.14 9.66
N LEU A 54 4.19 -3.78 9.60
CA LEU A 54 3.49 -3.10 10.68
C LEU A 54 3.50 -3.95 11.94
N PRO A 55 3.85 -3.36 13.10
CA PRO A 55 3.66 -4.04 14.37
C PRO A 55 2.16 -4.26 14.68
N GLY A 56 1.87 -5.21 15.56
CA GLY A 56 0.53 -5.52 15.96
C GLY A 56 -0.13 -6.50 15.01
N ARG A 57 -1.38 -6.24 14.66
CA ARG A 57 -2.15 -7.15 13.77
C ARG A 57 -1.44 -7.27 12.42
N PRO A 58 -1.18 -8.49 11.92
CA PRO A 58 -0.44 -8.64 10.67
C PRO A 58 -1.12 -7.87 9.52
N GLY A 59 -0.31 -7.18 8.72
CA GLY A 59 -0.80 -6.46 7.57
C GLY A 59 -1.60 -7.33 6.64
N LEU A 60 -1.19 -8.58 6.41
CA LEU A 60 -1.93 -9.44 5.52
C LEU A 60 -3.32 -9.76 6.06
N GLU A 61 -3.50 -9.80 7.39
CA GLU A 61 -4.83 -10.00 7.93
C GLU A 61 -5.72 -8.77 7.71
N ILE A 62 -5.12 -7.58 7.79
CA ILE A 62 -5.83 -6.36 7.51
C ILE A 62 -6.33 -6.38 6.05
N LEU A 63 -5.44 -6.74 5.13
CA LEU A 63 -5.75 -6.82 3.72
C LEU A 63 -6.85 -7.84 3.47
N GLN A 64 -6.76 -9.01 4.08
CA GLN A 64 -7.79 -10.04 3.94
C GLN A 64 -9.14 -9.52 4.43
N GLU A 65 -9.13 -8.78 5.56
CA GLU A 65 -10.36 -8.21 6.08
C GLU A 65 -10.98 -7.26 5.03
N TRP A 66 -10.17 -6.35 4.51
CA TRP A 66 -10.65 -5.44 3.48
C TRP A 66 -11.30 -6.18 2.35
N ARG A 67 -10.63 -7.17 1.77
CA ARG A 67 -11.20 -7.93 0.63
C ARG A 67 -12.50 -8.61 1.05
N GLY A 68 -12.58 -9.13 2.27
CA GLY A 68 -13.81 -9.74 2.73
C GLY A 68 -14.98 -8.77 2.90
N LEU A 69 -14.65 -7.49 3.09
CA LEU A 69 -15.65 -6.42 3.10
C LEU A 69 -16.03 -5.92 1.71
N GLY A 70 -15.46 -6.50 0.67
CA GLY A 70 -15.75 -6.11 -0.69
C GLY A 70 -14.97 -4.90 -1.16
N LEU A 71 -13.90 -4.51 -0.45
CA LEU A 71 -13.12 -3.35 -0.85
C LEU A 71 -12.37 -3.72 -2.11
N ALA A 72 -12.56 -2.90 -3.15
CA ALA A 72 -11.96 -3.16 -4.45
C ALA A 72 -10.77 -2.24 -4.75
N THR A 73 -10.45 -1.37 -3.79
CA THR A 73 -9.38 -0.40 -3.92
C THR A 73 -8.10 -1.15 -4.26
N PRO A 74 -7.30 -0.64 -5.21
CA PRO A 74 -5.96 -1.17 -5.44
C PRO A 74 -5.10 -1.07 -4.17
N VAL A 75 -4.36 -2.15 -3.89
CA VAL A 75 -3.47 -2.20 -2.74
C VAL A 75 -2.09 -2.63 -3.23
N LEU A 76 -1.10 -1.77 -2.92
CA LEU A 76 0.29 -2.07 -3.13
C LEU A 76 0.90 -2.38 -1.76
N ILE A 77 1.44 -3.59 -1.59
CA ILE A 77 2.08 -3.98 -0.34
C ILE A 77 3.60 -3.80 -0.45
N LEU A 78 4.19 -3.35 0.65
CA LEU A 78 5.63 -3.28 0.83
C LEU A 78 6.08 -4.51 1.61
N THR A 79 6.93 -5.32 0.98
CA THR A 79 7.33 -6.59 1.49
C THR A 79 8.80 -6.59 1.90
N ALA A 80 9.14 -7.62 2.64
CA ALA A 80 10.44 -7.70 3.28
C ALA A 80 11.56 -8.12 2.37
N ARG A 81 12.77 -7.58 2.61
CA ARG A 81 13.99 -7.95 1.86
C ARG A 81 14.10 -9.48 1.85
N GLY A 82 14.31 -10.07 0.69
CA GLY A 82 14.56 -11.48 0.55
C GLY A 82 13.36 -12.41 0.73
N SER A 83 12.16 -11.85 0.93
CA SER A 83 11.01 -12.68 1.22
C SER A 83 10.16 -12.92 0.00
N TRP A 84 10.47 -13.97 -0.72
CA TRP A 84 9.64 -14.40 -1.84
C TRP A 84 8.27 -14.79 -1.32
N ALA A 85 8.24 -15.45 -0.16
CA ALA A 85 6.99 -15.91 0.42
C ALA A 85 6.01 -14.78 0.65
N GLU A 86 6.49 -13.64 1.17
CA GLU A 86 5.56 -12.52 1.40
C GLU A 86 4.89 -11.98 0.15
N ARG A 87 5.64 -11.99 -0.94
CA ARG A 87 5.10 -11.53 -2.24
C ARG A 87 4.01 -12.50 -2.69
N ILE A 88 4.28 -13.80 -2.66
CA ILE A 88 3.29 -14.79 -3.04
C ILE A 88 2.06 -14.75 -2.12
N ASP A 89 2.33 -14.78 -0.81
CA ASP A 89 1.26 -14.77 0.16
C ASP A 89 0.44 -13.48 0.09
N GLY A 90 1.11 -12.37 -0.20
CA GLY A 90 0.44 -11.07 -0.31
C GLY A 90 -0.49 -11.03 -1.49
N LEU A 91 -0.05 -11.53 -2.65
CA LEU A 91 -0.96 -11.64 -3.81
C LEU A 91 -2.16 -12.53 -3.48
N LYS A 92 -1.90 -13.67 -2.82
CA LYS A 92 -2.96 -14.59 -2.45
C LYS A 92 -4.00 -13.96 -1.51
N ALA A 93 -3.51 -13.07 -0.63
CA ALA A 93 -4.34 -12.36 0.33
C ALA A 93 -5.14 -11.23 -0.33
N GLY A 94 -4.79 -10.87 -1.58
CA GLY A 94 -5.57 -9.90 -2.35
C GLY A 94 -4.86 -8.63 -2.73
N ALA A 95 -3.54 -8.58 -2.57
CA ALA A 95 -2.78 -7.42 -3.01
C ALA A 95 -2.78 -7.38 -4.52
N ASP A 96 -2.79 -6.15 -5.06
CA ASP A 96 -2.69 -6.00 -6.52
C ASP A 96 -1.27 -6.00 -7.08
N ASP A 97 -0.35 -5.49 -6.27
CA ASP A 97 1.06 -5.56 -6.57
C ASP A 97 1.82 -5.40 -5.25
N TYR A 98 3.12 -5.52 -5.36
CA TYR A 98 4.03 -5.46 -4.20
C TYR A 98 5.28 -4.73 -4.63
N LEU A 99 6.07 -4.33 -3.64
CA LEU A 99 7.37 -3.77 -3.85
C LEU A 99 8.23 -4.23 -2.67
N THR A 100 9.37 -4.84 -2.97
CA THR A 100 10.25 -5.43 -1.97
C THR A 100 11.20 -4.37 -1.45
N LYS A 101 11.25 -4.25 -0.11
CA LYS A 101 12.17 -3.36 0.55
C LYS A 101 13.56 -3.98 0.61
N PRO A 102 14.64 -3.17 0.52
CA PRO A 102 14.58 -1.75 0.19
C PRO A 102 14.39 -1.58 -1.32
N PHE A 103 13.54 -0.66 -1.69
CA PHE A 103 13.14 -0.49 -3.07
C PHE A 103 13.65 0.83 -3.58
N HIS A 104 13.58 0.97 -4.89
CA HIS A 104 14.01 2.17 -5.54
C HIS A 104 12.79 3.02 -5.87
N PRO A 105 12.86 4.36 -5.74
CA PRO A 105 11.68 5.20 -5.98
C PRO A 105 11.13 5.11 -7.41
N GLU A 106 11.98 4.83 -8.40
CA GLU A 106 11.49 4.71 -9.77
C GLU A 106 10.53 3.51 -9.86
N GLU A 107 10.85 2.42 -9.17
CA GLU A 107 10.01 1.25 -9.21
C GLU A 107 8.69 1.49 -8.44
N LEU A 108 8.77 2.21 -7.32
CA LEU A 108 7.58 2.67 -6.62
C LEU A 108 6.64 3.43 -7.58
N ALA A 109 7.22 4.40 -8.27
CA ALA A 109 6.44 5.24 -9.20
C ALA A 109 5.81 4.40 -10.29
N LEU A 110 6.58 3.51 -10.91
CA LEU A 110 6.08 2.72 -12.01
C LEU A 110 4.94 1.80 -11.58
N ARG A 111 5.09 1.15 -10.43
CA ARG A 111 4.08 0.17 -9.97
C ARG A 111 2.80 0.91 -9.54
N ILE A 112 2.92 2.07 -8.93
CA ILE A 112 1.75 2.85 -8.57
C ILE A 112 1.03 3.34 -9.85
N GLN A 113 1.81 3.87 -10.79
CA GLN A 113 1.25 4.36 -12.04
C GLN A 113 0.41 3.30 -12.71
N ALA A 114 0.95 2.10 -12.81
CA ALA A 114 0.26 1.03 -13.48
C ALA A 114 -1.02 0.61 -12.80
N LEU A 115 -1.02 0.58 -11.45
CA LEU A 115 -2.23 0.26 -10.73
C LEU A 115 -3.32 1.31 -10.97
N LEU A 116 -2.94 2.58 -10.89
CA LEU A 116 -3.90 3.65 -11.10
C LEU A 116 -4.42 3.67 -12.54
N ARG A 117 -3.54 3.38 -13.49
CA ARG A 117 -3.90 3.30 -14.92
C ARG A 117 -4.95 2.20 -15.08
N ARG A 118 -4.65 0.98 -14.64
CA ARG A 118 -5.60 -0.13 -14.83
C ARG A 118 -6.91 0.16 -14.09
N ALA A 119 -6.85 0.76 -12.90
CA ALA A 119 -8.03 0.98 -12.10
C ALA A 119 -9.09 1.79 -12.86
N HIS A 120 -8.64 2.69 -13.74
CA HIS A 120 -9.52 3.55 -14.53
C HIS A 120 -9.59 3.16 -15.99
N GLY A 121 -8.91 2.09 -16.39
CA GLY A 121 -8.83 1.67 -17.77
C GLY A 121 -8.20 2.69 -18.68
N LEU A 122 -7.26 3.47 -18.16
CA LEU A 122 -6.57 4.51 -18.92
C LEU A 122 -5.57 3.92 -19.87
N ALA A 123 -5.25 4.64 -20.94
CA ALA A 123 -4.30 4.10 -21.92
C ALA A 123 -2.92 3.90 -21.33
#